data_6S42
#
_entry.id   6S42
#
_cell.length_a   128.945
_cell.length_b   63.950
_cell.length_c   46.053
_cell.angle_alpha   90.00
_cell.angle_beta   106.27
_cell.angle_gamma   90.00
#
_symmetry.space_group_name_H-M   'C 1 2 1'
#
loop_
_entity.id
_entity.type
_entity.pdbx_description
1 polymer 'Haloalkane dehalogenase'
2 non-polymer HEXANE-1,6-DIOL
3 non-polymer 'IODIDE ION'
4 non-polymer 'CHLORIDE ION'
5 water water
#
_entity_poly.entity_id   1
_entity_poly.type   'polypeptide(L)'
_entity_poly.pdbx_seq_one_letter_code
;MTISADISLHHRAVLGSTMAYRETGRSDAPHVLFLHGNPTSSYLWRNIMPLVAPVGHCIAPDLIGYGQSGKPDISYRFFD
QADYLDALIDELGIASAYLVAHDWGTALAFHLAARRPQLVRGLAFMEFIRPMRDWSDFHQHDAARETFRKFRTPGVGEAM
ILDNNAFVERVLPGSILRTLSEEEMAAYRAPFATRESRMPTLMLPRELPIAGEPADVTQALTAAHAALAASTYPKLLFVG
SPGALVSPAFAAEFAKTLKHCAVIQLGAGGHYLQEDHPEAIGRSVAGWIAGIEAASAQRHAALEHHHHHH
;
_entity_poly.pdbx_strand_id   A
#
loop_
_chem_comp.id
_chem_comp.type
_chem_comp.name
_chem_comp.formula
CL non-polymer 'CHLORIDE ION' 'Cl -1'
HEZ non-polymer HEXANE-1,6-DIOL 'C6 H14 O2'
IOD non-polymer 'IODIDE ION' 'I -1'
#
# COMPACT_ATOMS: atom_id res chain seq x y z
N ILE A 7 2.58 13.67 16.58
CA ILE A 7 1.92 13.55 15.29
C ILE A 7 0.39 13.45 15.49
N SER A 8 -0.29 14.58 15.39
CA SER A 8 -1.74 14.62 15.55
C SER A 8 -2.39 14.40 14.18
N LEU A 9 -3.16 13.33 14.07
CA LEU A 9 -3.87 12.98 12.85
C LEU A 9 -5.36 13.32 12.99
N HIS A 10 -6.05 13.34 11.86
CA HIS A 10 -7.51 13.39 11.88
C HIS A 10 -8.07 12.00 12.19
N HIS A 11 -9.28 11.97 12.75
CA HIS A 11 -9.96 10.73 13.06
C HIS A 11 -11.43 10.82 12.67
N ARG A 12 -11.98 9.67 12.26
N ARG A 12 -12.00 9.68 12.28
CA ARG A 12 -13.42 9.55 12.04
CA ARG A 12 -13.42 9.55 12.01
C ARG A 12 -13.88 8.20 12.57
C ARG A 12 -13.90 8.19 12.49
N ALA A 13 -15.11 8.15 13.03
CA ALA A 13 -15.73 6.89 13.41
C ALA A 13 -16.17 6.15 12.16
N VAL A 14 -15.84 4.87 12.08
CA VAL A 14 -16.07 4.05 10.90
C VAL A 14 -16.44 2.65 11.39
N LEU A 15 -17.64 2.17 11.03
CA LEU A 15 -18.06 0.79 11.29
C LEU A 15 -17.87 0.38 12.75
N GLY A 16 -18.22 1.28 13.67
CA GLY A 16 -18.12 0.96 15.08
C GLY A 16 -16.71 1.02 15.65
N SER A 17 -15.71 1.34 14.84
CA SER A 17 -14.39 1.67 15.36
C SER A 17 -14.00 3.05 14.86
N THR A 18 -12.71 3.31 14.75
CA THR A 18 -12.24 4.61 14.29
C THR A 18 -11.08 4.42 13.34
N MET A 19 -10.89 5.37 12.44
N MET A 19 -10.90 5.38 12.43
CA MET A 19 -9.73 5.38 11.56
CA MET A 19 -9.78 5.40 11.50
C MET A 19 -9.08 6.75 11.56
C MET A 19 -9.09 6.76 11.56
N ALA A 20 -7.77 6.74 11.49
CA ALA A 20 -6.97 7.96 11.46
C ALA A 20 -6.45 8.21 10.05
N TYR A 21 -6.15 9.46 9.76
CA TYR A 21 -5.60 9.81 8.45
C TYR A 21 -4.84 11.13 8.51
N ARG A 22 -3.81 11.23 7.68
N ARG A 22 -3.80 11.22 7.68
CA ARG A 22 -3.12 12.48 7.42
CA ARG A 22 -3.12 12.48 7.42
C ARG A 22 -3.83 13.21 6.29
C ARG A 22 -3.85 13.21 6.30
N GLU A 23 -3.85 14.54 6.38
CA GLU A 23 -4.47 15.37 5.36
C GLU A 23 -3.61 16.60 5.13
N THR A 24 -3.39 16.94 3.85
CA THR A 24 -2.68 18.16 3.49
C THR A 24 -3.08 18.55 2.07
N GLY A 25 -2.73 19.77 1.69
CA GLY A 25 -3.01 20.27 0.36
C GLY A 25 -4.27 21.12 0.32
N ARG A 26 -4.48 21.77 -0.84
CA ARG A 26 -5.63 22.65 -0.99
C ARG A 26 -6.89 21.83 -1.21
N SER A 27 -7.97 22.19 -0.50
CA SER A 27 -9.19 21.41 -0.52
C SER A 27 -9.93 21.47 -1.86
N ASP A 28 -9.58 22.40 -2.75
CA ASP A 28 -10.20 22.46 -4.06
C ASP A 28 -9.38 21.76 -5.15
N ALA A 29 -8.24 21.17 -4.80
CA ALA A 29 -7.48 20.34 -5.71
C ALA A 29 -8.04 18.93 -5.74
N PRO A 30 -7.75 18.15 -6.78
CA PRO A 30 -8.27 16.77 -6.82
C PRO A 30 -7.79 15.94 -5.65
N HIS A 31 -8.65 15.05 -5.19
N HIS A 31 -8.65 15.05 -5.19
CA HIS A 31 -8.27 14.13 -4.12
CA HIS A 31 -8.28 14.12 -4.12
C HIS A 31 -7.14 13.21 -4.57
C HIS A 31 -7.13 13.22 -4.58
N VAL A 32 -6.20 12.98 -3.66
CA VAL A 32 -5.12 12.01 -3.85
C VAL A 32 -5.10 11.14 -2.62
N LEU A 33 -5.39 9.85 -2.79
N LEU A 33 -5.35 9.85 -2.79
CA LEU A 33 -5.43 8.89 -1.71
CA LEU A 33 -5.45 8.89 -1.70
C LEU A 33 -4.13 8.09 -1.70
C LEU A 33 -4.19 8.02 -1.67
N PHE A 34 -3.43 8.10 -0.58
CA PHE A 34 -2.18 7.37 -0.39
C PHE A 34 -2.45 6.15 0.49
N LEU A 35 -2.08 4.95 -0.01
CA LEU A 35 -2.45 3.68 0.64
C LEU A 35 -1.19 2.89 0.98
N HIS A 36 -0.93 2.72 2.27
CA HIS A 36 0.22 1.96 2.77
C HIS A 36 -0.09 0.46 2.84
N GLY A 37 0.93 -0.32 3.21
CA GLY A 37 0.82 -1.75 3.36
C GLY A 37 1.37 -2.22 4.70
N ASN A 38 1.82 -3.45 4.72
CA ASN A 38 2.29 -4.12 5.96
C ASN A 38 3.77 -3.83 6.24
N PRO A 39 4.21 -3.53 7.47
CA PRO A 39 3.38 -3.18 8.65
C PRO A 39 3.52 -1.68 8.95
N THR A 40 3.21 -0.87 7.95
CA THR A 40 3.44 0.59 8.06
C THR A 40 2.16 1.34 8.41
N SER A 41 2.09 2.61 8.03
CA SER A 41 0.89 3.42 8.24
C SER A 41 1.04 4.64 7.32
N SER A 42 0.17 5.64 7.53
CA SER A 42 0.31 6.90 6.80
C SER A 42 1.68 7.53 7.00
N TYR A 43 2.37 7.18 8.09
CA TYR A 43 3.71 7.68 8.35
C TYR A 43 4.65 7.41 7.19
N LEU A 44 4.43 6.31 6.46
CA LEU A 44 5.26 5.95 5.32
C LEU A 44 5.31 7.05 4.28
N TRP A 45 4.27 7.89 4.22
CA TRP A 45 4.15 8.91 3.18
C TRP A 45 4.55 10.31 3.67
N ARG A 46 5.13 10.42 4.86
CA ARG A 46 5.33 11.73 5.50
C ARG A 46 6.27 12.63 4.71
N ASN A 47 7.23 12.05 3.98
CA ASN A 47 8.17 12.87 3.20
C ASN A 47 7.77 12.96 1.74
N ILE A 48 6.62 12.42 1.38
CA ILE A 48 6.12 12.42 0.01
C ILE A 48 4.93 13.34 -0.15
N MET A 49 3.96 13.24 0.75
CA MET A 49 2.76 14.09 0.66
C MET A 49 3.05 15.59 0.55
N PRO A 50 4.01 16.18 1.29
CA PRO A 50 4.22 17.63 1.14
C PRO A 50 4.62 18.04 -0.26
N LEU A 51 5.18 17.13 -1.07
CA LEU A 51 5.56 17.44 -2.44
C LEU A 51 4.40 17.32 -3.40
N VAL A 52 3.32 16.66 -2.99
CA VAL A 52 2.10 16.55 -3.78
C VAL A 52 1.05 17.56 -3.36
N ALA A 53 1.13 18.08 -2.13
CA ALA A 53 0.15 19.06 -1.64
C ALA A 53 -0.13 20.23 -2.57
N PRO A 54 0.83 20.79 -3.31
CA PRO A 54 0.48 21.93 -4.19
C PRO A 54 -0.48 21.58 -5.31
N VAL A 55 -0.59 20.30 -5.69
CA VAL A 55 -1.41 19.89 -6.81
C VAL A 55 -2.56 18.97 -6.43
N GLY A 56 -2.68 18.58 -5.17
CA GLY A 56 -3.71 17.63 -4.80
C GLY A 56 -4.13 17.77 -3.35
N HIS A 57 -5.38 17.41 -3.08
N HIS A 57 -5.37 17.39 -3.09
CA HIS A 57 -5.88 17.31 -1.72
CA HIS A 57 -5.90 17.30 -1.73
C HIS A 57 -5.54 15.92 -1.22
C HIS A 57 -5.56 15.91 -1.22
N CYS A 58 -4.50 15.82 -0.41
CA CYS A 58 -3.88 14.54 -0.07
C CYS A 58 -4.47 13.96 1.21
N ILE A 59 -4.87 12.69 1.14
CA ILE A 59 -5.42 11.95 2.27
C ILE A 59 -4.66 10.63 2.37
N ALA A 60 -4.11 10.34 3.53
CA ALA A 60 -3.36 9.09 3.75
C ALA A 60 -3.93 8.39 4.96
N PRO A 61 -4.79 7.40 4.79
CA PRO A 61 -5.35 6.69 5.95
C PRO A 61 -4.36 5.73 6.58
N ASP A 62 -4.53 5.52 7.88
CA ASP A 62 -4.00 4.35 8.57
C ASP A 62 -5.04 3.25 8.43
N LEU A 63 -4.66 2.13 7.84
CA LEU A 63 -5.58 0.99 7.73
C LEU A 63 -6.03 0.55 9.12
N ILE A 64 -7.22 -0.07 9.18
CA ILE A 64 -7.73 -0.52 10.47
C ILE A 64 -6.73 -1.47 11.11
N GLY A 65 -6.46 -1.27 12.41
CA GLY A 65 -5.46 -2.03 13.12
C GLY A 65 -4.02 -1.54 12.96
N TYR A 66 -3.79 -0.51 12.16
CA TYR A 66 -2.46 0.05 11.91
C TYR A 66 -2.41 1.49 12.39
N GLY A 67 -1.20 1.95 12.70
CA GLY A 67 -0.99 3.35 13.02
C GLY A 67 -1.85 3.79 14.19
N GLN A 68 -2.55 4.92 14.01
CA GLN A 68 -3.42 5.47 15.06
C GLN A 68 -4.88 5.10 14.84
N SER A 69 -5.16 4.20 13.91
CA SER A 69 -6.52 3.72 13.73
C SER A 69 -6.90 2.78 14.87
N GLY A 70 -8.19 2.49 14.95
CA GLY A 70 -8.69 1.62 16.00
C GLY A 70 -8.17 0.20 15.88
N LYS A 71 -8.36 -0.55 16.96
CA LYS A 71 -7.96 -1.96 17.05
C LYS A 71 -9.17 -2.82 17.43
N PRO A 72 -10.18 -2.89 16.56
CA PRO A 72 -11.37 -3.68 16.89
C PRO A 72 -11.08 -5.17 16.86
N ASP A 73 -12.00 -5.93 17.46
CA ASP A 73 -11.89 -7.39 17.47
C ASP A 73 -12.50 -7.93 16.18
N ILE A 74 -11.69 -7.90 15.12
CA ILE A 74 -12.05 -8.40 13.80
C ILE A 74 -10.94 -9.31 13.30
N SER A 75 -11.18 -9.92 12.14
CA SER A 75 -10.24 -10.90 11.60
C SER A 75 -9.02 -10.25 10.96
N TYR A 76 -9.15 -9.01 10.47
CA TYR A 76 -8.08 -8.29 9.78
C TYR A 76 -7.68 -8.95 8.47
N ARG A 77 -8.58 -9.71 7.85
CA ARG A 77 -8.38 -10.23 6.52
C ARG A 77 -8.43 -9.10 5.49
N PHE A 78 -8.01 -9.41 4.28
CA PHE A 78 -8.03 -8.41 3.20
C PHE A 78 -9.41 -7.78 3.05
N PHE A 79 -10.47 -8.58 3.10
CA PHE A 79 -11.80 -8.01 2.88
C PHE A 79 -12.21 -7.11 4.03
N ASP A 80 -11.73 -7.36 5.25
CA ASP A 80 -11.95 -6.42 6.34
C ASP A 80 -11.27 -5.09 6.04
N GLN A 81 -10.01 -5.13 5.60
CA GLN A 81 -9.32 -3.90 5.25
C GLN A 81 -10.08 -3.15 4.15
N ALA A 82 -10.58 -3.88 3.15
CA ALA A 82 -11.33 -3.24 2.07
C ALA A 82 -12.59 -2.58 2.60
N ASP A 83 -13.31 -3.24 3.51
CA ASP A 83 -14.54 -2.69 4.04
C ASP A 83 -14.29 -1.40 4.82
N TYR A 84 -13.28 -1.41 5.68
CA TYR A 84 -13.00 -0.21 6.48
C TYR A 84 -12.51 0.93 5.62
N LEU A 85 -11.69 0.64 4.60
CA LEU A 85 -11.25 1.69 3.70
C LEU A 85 -12.41 2.28 2.90
N ASP A 86 -13.31 1.42 2.39
CA ASP A 86 -14.51 1.91 1.70
C ASP A 86 -15.29 2.83 2.61
N ALA A 87 -15.48 2.43 3.86
CA ALA A 87 -16.28 3.24 4.78
C ALA A 87 -15.64 4.60 5.01
N LEU A 88 -14.32 4.65 5.12
CA LEU A 88 -13.66 5.94 5.34
C LEU A 88 -13.76 6.82 4.09
N ILE A 89 -13.56 6.23 2.90
CA ILE A 89 -13.67 6.96 1.65
C ILE A 89 -15.05 7.60 1.53
N ASP A 90 -16.10 6.85 1.89
CA ASP A 90 -17.45 7.38 1.79
C ASP A 90 -17.72 8.44 2.85
N GLU A 91 -17.17 8.24 4.06
CA GLU A 91 -17.31 9.24 5.11
C GLU A 91 -16.66 10.57 4.70
N LEU A 92 -15.53 10.50 4.01
CA LEU A 92 -14.80 11.69 3.59
C LEU A 92 -15.31 12.28 2.27
N GLY A 93 -16.31 11.67 1.66
CA GLY A 93 -16.87 12.19 0.42
C GLY A 93 -15.96 12.08 -0.78
N ILE A 94 -15.09 11.08 -0.82
CA ILE A 94 -14.14 10.92 -1.92
C ILE A 94 -14.83 10.08 -2.99
N ALA A 95 -15.24 10.73 -4.08
CA ALA A 95 -15.86 10.06 -5.22
C ALA A 95 -14.97 10.00 -6.45
N SER A 96 -13.92 10.82 -6.50
CA SER A 96 -12.98 10.84 -7.61
C SER A 96 -11.61 11.13 -7.01
N ALA A 97 -10.61 10.34 -7.35
CA ALA A 97 -9.30 10.51 -6.74
C ALA A 97 -8.22 9.88 -7.58
N TYR A 98 -7.01 10.46 -7.50
CA TYR A 98 -5.80 9.73 -7.82
C TYR A 98 -5.48 8.79 -6.67
N LEU A 99 -4.96 7.61 -6.98
CA LEU A 99 -4.53 6.65 -5.97
C LEU A 99 -3.03 6.52 -6.05
N VAL A 100 -2.37 6.55 -4.90
CA VAL A 100 -0.93 6.34 -4.78
C VAL A 100 -0.75 5.21 -3.78
N ALA A 101 -0.22 4.07 -4.25
CA ALA A 101 -0.38 2.83 -3.49
C ALA A 101 0.89 2.00 -3.43
N HIS A 102 1.06 1.30 -2.29
CA HIS A 102 2.18 0.40 -2.00
C HIS A 102 1.70 -0.92 -1.39
N ASP A 103 2.23 -2.08 -1.85
CA ASP A 103 2.07 -3.38 -1.11
C ASP A 103 0.59 -3.82 -1.04
N TRP A 104 0.05 -4.17 0.14
CA TRP A 104 -1.40 -4.39 0.25
C TRP A 104 -2.19 -3.15 -0.12
N GLY A 105 -1.61 -1.96 -0.04
CA GLY A 105 -2.27 -0.78 -0.56
C GLY A 105 -2.59 -0.90 -2.04
N THR A 106 -1.71 -1.56 -2.80
CA THR A 106 -2.01 -1.76 -4.22
C THR A 106 -3.14 -2.76 -4.40
N ALA A 107 -3.17 -3.83 -3.61
CA ALA A 107 -4.30 -4.75 -3.71
C ALA A 107 -5.60 -4.04 -3.40
N LEU A 108 -5.61 -3.19 -2.37
CA LEU A 108 -6.78 -2.37 -2.08
C LEU A 108 -7.12 -1.44 -3.22
N ALA A 109 -6.11 -0.79 -3.81
CA ALA A 109 -6.35 0.12 -4.94
C ALA A 109 -6.93 -0.61 -6.14
N PHE A 110 -6.35 -1.77 -6.49
CA PHE A 110 -6.84 -2.52 -7.64
C PHE A 110 -8.28 -2.98 -7.40
N HIS A 111 -8.56 -3.47 -6.19
CA HIS A 111 -9.89 -3.97 -5.84
C HIS A 111 -10.90 -2.83 -5.81
N LEU A 112 -10.48 -1.66 -5.32
CA LEU A 112 -11.35 -0.48 -5.34
C LEU A 112 -11.67 -0.04 -6.75
N ALA A 113 -10.65 0.02 -7.61
CA ALA A 113 -10.87 0.45 -8.99
C ALA A 113 -11.76 -0.52 -9.75
N ALA A 114 -11.67 -1.82 -9.45
CA ALA A 114 -12.52 -2.78 -10.13
C ALA A 114 -13.98 -2.58 -9.75
N ARG A 115 -14.25 -2.30 -8.46
CA ARG A 115 -15.62 -2.17 -7.98
C ARG A 115 -16.19 -0.78 -8.22
N ARG A 116 -15.34 0.25 -8.27
CA ARG A 116 -15.76 1.64 -8.48
C ARG A 116 -14.95 2.20 -9.65
N PRO A 117 -15.27 1.77 -10.87
CA PRO A 117 -14.41 2.13 -12.02
C PRO A 117 -14.46 3.61 -12.39
N GLN A 118 -15.40 4.36 -11.82
CA GLN A 118 -15.50 5.79 -12.05
C GLN A 118 -14.65 6.60 -11.10
N LEU A 119 -14.10 5.97 -10.05
CA LEU A 119 -13.40 6.71 -9.01
C LEU A 119 -12.01 7.16 -9.44
N VAL A 120 -11.29 6.33 -10.20
CA VAL A 120 -9.84 6.49 -10.34
C VAL A 120 -9.50 7.48 -11.45
N ARG A 121 -8.84 8.58 -11.08
CA ARG A 121 -8.31 9.54 -12.04
C ARG A 121 -6.93 9.13 -12.55
N GLY A 122 -6.22 8.31 -11.79
CA GLY A 122 -4.92 7.81 -12.14
C GLY A 122 -4.40 6.96 -11.01
N LEU A 123 -3.49 6.03 -11.31
CA LEU A 123 -2.93 5.13 -10.32
C LEU A 123 -1.41 5.23 -10.36
N ALA A 124 -0.81 5.66 -9.27
CA ALA A 124 0.64 5.60 -9.07
C ALA A 124 0.90 4.49 -8.07
N PHE A 125 1.80 3.57 -8.43
CA PHE A 125 1.92 2.37 -7.61
C PHE A 125 3.34 1.82 -7.68
N MET A 126 3.63 0.91 -6.75
N MET A 126 3.63 0.92 -6.75
CA MET A 126 4.99 0.39 -6.57
CA MET A 126 4.95 0.31 -6.69
C MET A 126 4.91 -0.85 -5.69
C MET A 126 4.86 -0.89 -5.77
N GLU A 127 5.74 -1.85 -6.00
CA GLU A 127 5.88 -3.03 -5.15
C GLU A 127 4.51 -3.66 -4.85
N PHE A 128 3.81 -3.99 -5.93
CA PHE A 128 2.42 -4.37 -5.88
C PHE A 128 2.25 -5.87 -5.71
N ILE A 129 1.06 -6.27 -5.27
CA ILE A 129 0.70 -7.67 -5.10
C ILE A 129 -0.07 -8.15 -6.32
N ARG A 130 0.27 -9.33 -6.81
CA ARG A 130 -0.51 -10.00 -7.82
C ARG A 130 -0.56 -11.49 -7.48
N PRO A 131 -1.57 -12.21 -7.96
CA PRO A 131 -1.61 -13.66 -7.73
C PRO A 131 -0.35 -14.32 -8.25
N MET A 132 0.24 -15.15 -7.39
CA MET A 132 1.48 -15.84 -7.69
C MET A 132 1.17 -17.33 -7.86
N ARG A 133 1.47 -17.87 -9.04
CA ARG A 133 1.13 -19.26 -9.33
C ARG A 133 1.86 -20.23 -8.42
N ASP A 134 3.10 -19.90 -8.04
CA ASP A 134 3.92 -20.78 -7.23
C ASP A 134 4.72 -19.92 -6.26
N TRP A 135 5.18 -20.54 -5.17
CA TRP A 135 6.09 -19.87 -4.26
C TRP A 135 7.28 -19.28 -5.00
N SER A 136 7.71 -19.90 -6.10
CA SER A 136 8.84 -19.38 -6.85
C SER A 136 8.56 -18.00 -7.46
N ASP A 137 7.30 -17.59 -7.55
CA ASP A 137 6.93 -16.27 -8.06
C ASP A 137 6.89 -15.17 -6.99
N PHE A 138 7.18 -15.50 -5.74
CA PHE A 138 7.17 -14.54 -4.64
C PHE A 138 8.59 -14.10 -4.34
N HIS A 139 8.85 -12.79 -4.45
CA HIS A 139 10.10 -12.16 -3.99
C HIS A 139 11.29 -12.49 -4.87
N GLN A 140 12.49 -12.04 -4.46
CA GLN A 140 13.71 -12.17 -5.26
C GLN A 140 14.72 -13.18 -4.72
N HIS A 141 14.56 -13.68 -3.50
CA HIS A 141 15.56 -14.59 -2.96
C HIS A 141 14.91 -15.59 -2.02
N ASP A 142 15.62 -16.71 -1.82
CA ASP A 142 15.08 -17.84 -1.09
C ASP A 142 14.88 -17.52 0.39
N ALA A 143 15.73 -16.67 0.97
CA ALA A 143 15.59 -16.36 2.39
C ALA A 143 14.23 -15.71 2.68
N ALA A 144 13.80 -14.80 1.82
CA ALA A 144 12.49 -14.16 1.99
C ALA A 144 11.37 -15.17 1.80
N ARG A 145 11.49 -16.05 0.80
N ARG A 145 11.48 -16.04 0.78
CA ARG A 145 10.48 -17.07 0.57
CA ARG A 145 10.48 -17.07 0.57
C ARG A 145 10.34 -17.99 1.78
C ARG A 145 10.34 -17.96 1.80
N GLU A 146 11.47 -18.36 2.40
CA GLU A 146 11.40 -19.23 3.56
C GLU A 146 10.78 -18.51 4.76
N THR A 147 11.13 -17.24 4.97
CA THR A 147 10.53 -16.48 6.05
C THR A 147 9.02 -16.41 5.90
N PHE A 148 8.53 -16.12 4.68
CA PHE A 148 7.10 -16.02 4.48
C PHE A 148 6.40 -17.36 4.51
N ARG A 149 7.06 -18.44 4.07
CA ARG A 149 6.52 -19.77 4.27
C ARG A 149 6.28 -20.05 5.74
N LYS A 150 7.22 -19.62 6.59
CA LYS A 150 7.08 -19.80 8.03
C LYS A 150 5.96 -18.94 8.60
N PHE A 151 5.84 -17.67 8.15
CA PHE A 151 4.73 -16.85 8.60
C PHE A 151 3.39 -17.54 8.33
N ARG A 152 3.29 -18.23 7.20
CA ARG A 152 2.06 -18.89 6.79
C ARG A 152 1.87 -20.26 7.45
N THR A 153 2.80 -20.71 8.26
CA THR A 153 2.71 -22.00 8.91
C THR A 153 2.02 -21.85 10.27
N PRO A 154 1.00 -22.65 10.57
CA PRO A 154 0.32 -22.53 11.87
C PRO A 154 1.28 -22.70 13.04
N GLY A 155 1.08 -21.89 14.07
CA GLY A 155 1.94 -21.90 15.27
C GLY A 155 3.28 -21.21 15.09
N VAL A 156 4.02 -21.58 14.04
CA VAL A 156 5.29 -20.93 13.71
C VAL A 156 5.08 -19.45 13.47
N GLY A 157 4.11 -19.09 12.62
CA GLY A 157 3.92 -17.69 12.32
C GLY A 157 3.55 -16.87 13.54
N GLU A 158 2.73 -17.43 14.41
CA GLU A 158 2.37 -16.75 15.65
C GLU A 158 3.61 -16.49 16.51
N ALA A 159 4.50 -17.48 16.62
CA ALA A 159 5.71 -17.29 17.41
C ALA A 159 6.59 -16.19 16.82
N MET A 160 6.71 -16.14 15.50
CA MET A 160 7.57 -15.14 14.88
C MET A 160 6.98 -13.75 14.94
N ILE A 161 5.70 -13.60 14.63
CA ILE A 161 5.08 -12.29 14.49
C ILE A 161 4.42 -11.81 15.77
N LEU A 162 3.59 -12.65 16.40
CA LEU A 162 2.93 -12.20 17.63
C LEU A 162 3.92 -12.10 18.77
N ASP A 163 4.75 -13.14 18.97
CA ASP A 163 5.67 -13.12 20.09
C ASP A 163 6.91 -12.27 19.82
N ASN A 164 7.48 -12.35 18.61
CA ASN A 164 8.74 -11.67 18.33
C ASN A 164 8.58 -10.41 17.48
N ASN A 165 7.37 -10.10 17.02
CA ASN A 165 7.11 -8.88 16.24
C ASN A 165 7.99 -8.82 14.99
N ALA A 166 8.18 -9.96 14.32
CA ALA A 166 9.18 -10.06 13.27
C ALA A 166 8.87 -9.19 12.05
N PHE A 167 7.60 -8.91 11.77
CA PHE A 167 7.33 -8.10 10.58
C PHE A 167 7.83 -6.68 10.79
N VAL A 168 7.53 -6.11 11.95
CA VAL A 168 8.00 -4.77 12.31
C VAL A 168 9.52 -4.75 12.50
N GLU A 169 10.05 -5.73 13.25
CA GLU A 169 11.44 -5.63 13.72
C GLU A 169 12.46 -6.20 12.74
N ARG A 170 12.05 -7.07 11.83
CA ARG A 170 12.98 -7.68 10.88
C ARG A 170 12.62 -7.36 9.44
N VAL A 171 11.38 -7.63 9.02
CA VAL A 171 11.04 -7.48 7.61
C VAL A 171 11.15 -6.02 7.18
N LEU A 172 10.61 -5.10 8.01
CA LEU A 172 10.60 -3.68 7.65
C LEU A 172 12.01 -3.11 7.50
N PRO A 173 12.87 -3.10 8.52
CA PRO A 173 14.22 -2.56 8.31
C PRO A 173 15.03 -3.37 7.33
N GLY A 174 14.72 -4.67 7.18
CA GLY A 174 15.44 -5.51 6.26
C GLY A 174 15.23 -5.15 4.80
N SER A 175 14.20 -4.36 4.48
CA SER A 175 13.95 -3.96 3.09
C SER A 175 13.95 -2.45 2.93
N ILE A 176 14.71 -1.75 3.76
CA ILE A 176 15.06 -0.35 3.61
C ILE A 176 16.57 -0.29 3.50
N LEU A 177 17.08 0.42 2.50
CA LEU A 177 18.53 0.46 2.30
C LEU A 177 19.22 1.30 3.37
N ARG A 178 18.72 2.51 3.62
CA ARG A 178 19.26 3.32 4.70
C ARG A 178 18.87 2.73 6.05
N THR A 179 19.53 3.18 7.10
CA THR A 179 19.18 2.79 8.45
C THR A 179 18.29 3.86 9.06
N LEU A 180 17.07 3.48 9.42
CA LEU A 180 16.14 4.43 10.04
C LEU A 180 16.74 4.96 11.34
N SER A 181 16.39 6.21 11.67
CA SER A 181 16.80 6.75 12.96
C SER A 181 16.06 6.04 14.10
N GLU A 182 16.55 6.24 15.32
CA GLU A 182 15.85 5.69 16.48
C GLU A 182 14.41 6.19 16.54
N GLU A 183 14.19 7.46 16.23
CA GLU A 183 12.85 8.03 16.26
C GLU A 183 11.95 7.39 15.22
N GLU A 184 12.48 7.15 14.02
CA GLU A 184 11.68 6.56 12.95
C GLU A 184 11.27 5.13 13.28
N MET A 185 12.21 4.32 13.76
CA MET A 185 11.88 2.95 14.15
C MET A 185 10.94 2.93 15.36
N ALA A 186 11.10 3.87 16.29
CA ALA A 186 10.17 3.95 17.41
C ALA A 186 8.76 4.23 16.93
N ALA A 187 8.62 5.10 15.93
CA ALA A 187 7.28 5.38 15.39
C ALA A 187 6.70 4.14 14.73
N TYR A 188 7.50 3.41 13.96
CA TYR A 188 6.97 2.25 13.26
C TYR A 188 6.56 1.15 14.23
N ARG A 189 7.25 0.98 15.36
CA ARG A 189 6.85 -0.08 16.27
C ARG A 189 5.78 0.35 17.27
N ALA A 190 5.53 1.65 17.42
CA ALA A 190 4.61 2.12 18.46
C ALA A 190 3.22 1.50 18.41
N PRO A 191 2.58 1.28 17.26
CA PRO A 191 1.24 0.67 17.28
C PRO A 191 1.24 -0.79 17.71
N PHE A 192 2.41 -1.40 17.89
CA PHE A 192 2.54 -2.84 18.01
C PHE A 192 3.25 -3.24 19.29
N ALA A 193 2.97 -2.52 20.38
CA ALA A 193 3.64 -2.79 21.66
C ALA A 193 3.13 -4.06 22.32
N THR A 194 1.87 -4.42 22.12
CA THR A 194 1.31 -5.62 22.73
C THR A 194 1.31 -6.77 21.74
N ARG A 195 1.29 -7.99 22.28
CA ARG A 195 1.22 -9.19 21.45
C ARG A 195 -0.03 -9.17 20.57
N GLU A 196 -1.20 -8.91 21.16
CA GLU A 196 -2.45 -8.99 20.41
C GLU A 196 -2.51 -7.94 19.30
N SER A 197 -1.88 -6.78 19.52
CA SER A 197 -1.94 -5.72 18.51
C SER A 197 -1.25 -6.13 17.22
N ARG A 198 -0.43 -7.19 17.24
CA ARG A 198 0.33 -7.59 16.07
C ARG A 198 -0.46 -8.49 15.13
N MET A 199 -1.66 -8.91 15.50
CA MET A 199 -2.46 -9.79 14.66
C MET A 199 -2.63 -9.31 13.22
N PRO A 200 -2.93 -8.04 12.93
CA PRO A 200 -3.07 -7.65 11.53
C PRO A 200 -1.83 -7.95 10.71
N THR A 201 -0.63 -7.84 11.33
CA THR A 201 0.61 -8.03 10.61
C THR A 201 0.92 -9.49 10.32
N LEU A 202 0.29 -10.40 11.06
CA LEU A 202 0.33 -11.83 10.78
C LEU A 202 -0.74 -12.25 9.77
N MET A 203 -1.91 -11.60 9.78
N MET A 203 -1.90 -11.60 9.79
CA MET A 203 -2.96 -11.99 8.85
CA MET A 203 -2.97 -11.97 8.85
C MET A 203 -2.58 -11.69 7.41
C MET A 203 -2.57 -11.69 7.41
N LEU A 204 -1.96 -10.53 7.16
CA LEU A 204 -1.68 -10.17 5.77
C LEU A 204 -0.74 -11.13 5.05
N PRO A 205 0.37 -11.62 5.62
CA PRO A 205 1.15 -12.60 4.86
C PRO A 205 0.36 -13.88 4.60
N ARG A 206 -0.59 -14.21 5.47
CA ARG A 206 -1.47 -15.37 5.26
C ARG A 206 -2.56 -15.10 4.23
N GLU A 207 -2.74 -13.85 3.81
CA GLU A 207 -3.66 -13.50 2.73
C GLU A 207 -3.01 -13.45 1.36
N LEU A 208 -1.67 -13.48 1.28
CA LEU A 208 -1.01 -13.35 -0.01
C LEU A 208 -1.51 -14.47 -0.93
N PRO A 209 -1.88 -14.15 -2.17
CA PRO A 209 -2.40 -15.19 -3.07
C PRO A 209 -1.27 -15.99 -3.68
N ILE A 210 -0.96 -17.14 -3.10
CA ILE A 210 0.12 -18.01 -3.56
C ILE A 210 -0.46 -19.38 -3.86
N ALA A 211 -0.27 -19.84 -5.11
CA ALA A 211 -0.77 -21.14 -5.55
C ALA A 211 -2.26 -21.27 -5.31
N GLY A 212 -2.99 -20.16 -5.47
CA GLY A 212 -4.44 -20.18 -5.37
C GLY A 212 -4.99 -20.15 -3.97
N GLU A 213 -4.14 -19.98 -2.97
CA GLU A 213 -4.61 -19.97 -1.57
C GLU A 213 -4.17 -18.67 -0.90
N PRO A 214 -5.07 -17.95 -0.20
CA PRO A 214 -6.50 -18.27 -0.09
C PRO A 214 -7.30 -18.02 -1.37
N ALA A 215 -8.31 -18.86 -1.59
CA ALA A 215 -9.02 -18.80 -2.86
C ALA A 215 -9.84 -17.53 -2.99
N ASP A 216 -10.38 -17.01 -1.89
CA ASP A 216 -11.21 -15.81 -2.02
C ASP A 216 -10.37 -14.59 -2.41
N VAL A 217 -9.21 -14.41 -1.78
CA VAL A 217 -8.30 -13.33 -2.18
C VAL A 217 -7.82 -13.56 -3.60
N THR A 218 -7.50 -14.80 -3.96
CA THR A 218 -7.06 -15.09 -5.32
C THR A 218 -8.11 -14.64 -6.34
N GLN A 219 -9.38 -14.95 -6.10
CA GLN A 219 -10.44 -14.52 -7.02
C GLN A 219 -10.50 -13.00 -7.09
N ALA A 220 -10.49 -12.33 -5.93
CA ALA A 220 -10.64 -10.87 -5.94
C ALA A 220 -9.50 -10.22 -6.71
N LEU A 221 -8.27 -10.71 -6.53
CA LEU A 221 -7.13 -10.05 -7.15
C LEU A 221 -6.89 -10.50 -8.59
N THR A 222 -7.33 -11.71 -8.94
CA THR A 222 -7.35 -12.09 -10.35
C THR A 222 -8.31 -11.20 -11.12
N ALA A 223 -9.51 -11.02 -10.59
CA ALA A 223 -10.46 -10.12 -11.22
C ALA A 223 -9.93 -8.69 -11.25
N ALA A 224 -9.36 -8.22 -10.14
CA ALA A 224 -8.88 -6.84 -10.09
C ALA A 224 -7.75 -6.61 -11.08
N HIS A 225 -6.86 -7.60 -11.26
CA HIS A 225 -5.79 -7.45 -12.23
C HIS A 225 -6.31 -7.46 -13.66
N ALA A 226 -7.35 -8.26 -13.94
CA ALA A 226 -7.97 -8.21 -15.26
C ALA A 226 -8.62 -6.86 -15.51
N ALA A 227 -9.30 -6.32 -14.49
CA ALA A 227 -9.89 -4.98 -14.65
C ALA A 227 -8.81 -3.94 -14.86
N LEU A 228 -7.69 -4.07 -14.14
CA LEU A 228 -6.57 -3.14 -14.31
C LEU A 228 -6.04 -3.19 -15.75
N ALA A 229 -5.92 -4.39 -16.32
CA ALA A 229 -5.42 -4.52 -17.68
C ALA A 229 -6.36 -3.88 -18.69
N ALA A 230 -7.66 -3.90 -18.43
CA ALA A 230 -8.63 -3.31 -19.34
C ALA A 230 -8.82 -1.81 -19.13
N SER A 231 -8.38 -1.27 -17.99
CA SER A 231 -8.66 0.10 -17.62
C SER A 231 -7.87 1.08 -18.50
N THR A 232 -8.37 2.32 -18.56
CA THR A 232 -7.80 3.33 -19.44
C THR A 232 -7.22 4.52 -18.71
N TYR A 233 -7.29 4.56 -17.37
CA TYR A 233 -6.77 5.71 -16.67
C TYR A 233 -5.24 5.70 -16.67
N PRO A 234 -4.61 6.87 -16.51
CA PRO A 234 -3.15 6.93 -16.49
C PRO A 234 -2.56 6.14 -15.33
N LYS A 235 -1.38 5.57 -15.56
CA LYS A 235 -0.72 4.75 -14.56
C LYS A 235 0.77 5.07 -14.50
N LEU A 236 1.33 5.05 -13.29
CA LEU A 236 2.74 5.37 -13.07
C LEU A 236 3.27 4.31 -12.12
N LEU A 237 4.18 3.47 -12.61
CA LEU A 237 4.74 2.37 -11.83
C LEU A 237 6.18 2.70 -11.49
N PHE A 238 6.47 2.85 -10.20
CA PHE A 238 7.84 3.04 -9.73
C PHE A 238 8.46 1.70 -9.46
N VAL A 239 9.75 1.58 -9.71
CA VAL A 239 10.49 0.34 -9.49
C VAL A 239 11.87 0.67 -8.96
N GLY A 240 12.36 -0.19 -8.06
CA GLY A 240 13.72 -0.11 -7.57
C GLY A 240 14.51 -1.34 -7.99
N SER A 241 15.82 -1.28 -7.74
CA SER A 241 16.74 -2.36 -8.07
C SER A 241 17.43 -2.85 -6.80
N PRO A 242 17.31 -4.13 -6.42
CA PRO A 242 16.62 -5.19 -7.16
C PRO A 242 15.11 -5.23 -6.92
N GLY A 243 14.61 -4.37 -6.03
CA GLY A 243 13.22 -4.46 -5.64
C GLY A 243 12.99 -5.68 -4.76
N ALA A 244 11.72 -5.96 -4.49
CA ALA A 244 11.36 -7.11 -3.66
C ALA A 244 10.24 -7.90 -4.33
N LEU A 245 9.02 -7.35 -4.33
CA LEU A 245 7.94 -7.98 -5.08
C LEU A 245 8.04 -7.71 -6.57
N VAL A 246 8.74 -6.66 -6.99
CA VAL A 246 8.74 -6.23 -8.40
C VAL A 246 10.19 -5.89 -8.79
N SER A 247 10.78 -6.73 -9.63
CA SER A 247 12.11 -6.44 -10.15
C SER A 247 12.00 -5.47 -11.32
N PRO A 248 13.12 -4.81 -11.69
CA PRO A 248 13.06 -3.96 -12.89
C PRO A 248 12.59 -4.69 -14.13
N ALA A 249 13.04 -5.93 -14.34
CA ALA A 249 12.61 -6.68 -15.51
C ALA A 249 11.11 -6.97 -15.46
N PHE A 250 10.60 -7.36 -14.30
CA PHE A 250 9.17 -7.64 -14.20
C PHE A 250 8.33 -6.39 -14.38
N ALA A 251 8.80 -5.25 -13.86
CA ALA A 251 8.06 -4.01 -14.06
C ALA A 251 7.91 -3.68 -15.54
N ALA A 252 9.00 -3.81 -16.31
CA ALA A 252 8.92 -3.49 -17.73
C ALA A 252 7.99 -4.46 -18.45
N GLU A 253 8.01 -5.71 -18.05
CA GLU A 253 7.16 -6.67 -18.72
C GLU A 253 5.69 -6.51 -18.30
N PHE A 254 5.43 -6.29 -16.99
CA PHE A 254 4.08 -6.04 -16.52
C PHE A 254 3.48 -4.80 -17.18
N ALA A 255 4.28 -3.74 -17.32
CA ALA A 255 3.82 -2.52 -17.95
C ALA A 255 3.27 -2.75 -19.35
N LYS A 256 3.87 -3.69 -20.10
CA LYS A 256 3.39 -3.96 -21.46
C LYS A 256 1.98 -4.54 -21.46
N THR A 257 1.53 -5.13 -20.36
CA THR A 257 0.20 -5.71 -20.31
C THR A 257 -0.88 -4.67 -20.03
N LEU A 258 -0.50 -3.44 -19.71
CA LEU A 258 -1.44 -2.40 -19.33
C LEU A 258 -1.51 -1.32 -20.41
N LYS A 259 -2.57 -0.52 -20.31
CA LYS A 259 -2.74 0.67 -21.14
C LYS A 259 -2.30 1.90 -20.35
N HIS A 260 -1.52 2.76 -20.99
CA HIS A 260 -1.20 4.10 -20.47
C HIS A 260 -0.39 4.06 -19.16
N CYS A 261 0.58 3.14 -19.05
N CYS A 261 0.49 3.11 -19.05
CA CYS A 261 1.40 2.95 -17.83
CA CYS A 261 1.43 3.10 -17.97
C CYS A 261 2.88 3.20 -18.12
C CYS A 261 2.73 3.73 -18.43
N ALA A 262 3.48 4.20 -17.46
CA ALA A 262 4.88 4.53 -17.59
C ALA A 262 5.62 3.99 -16.37
N VAL A 263 6.86 3.58 -16.56
CA VAL A 263 7.70 3.04 -15.50
C VAL A 263 8.77 4.08 -15.14
N ILE A 264 8.86 4.40 -13.86
CA ILE A 264 9.85 5.33 -13.35
C ILE A 264 10.87 4.52 -12.54
N GLN A 265 12.14 4.58 -12.96
CA GLN A 265 13.20 3.84 -12.29
C GLN A 265 13.75 4.70 -11.16
N LEU A 266 13.76 4.16 -9.95
CA LEU A 266 14.26 4.89 -8.80
C LEU A 266 15.70 4.55 -8.45
N GLY A 267 16.27 3.49 -9.01
CA GLY A 267 17.59 3.07 -8.60
C GLY A 267 17.58 2.09 -7.45
N ALA A 268 18.66 2.05 -6.68
CA ALA A 268 18.83 1.02 -5.66
C ALA A 268 17.73 1.11 -4.60
N GLY A 269 17.09 -0.02 -4.35
CA GLY A 269 16.05 -0.06 -3.35
C GLY A 269 15.49 -1.46 -3.23
N GLY A 270 14.78 -1.68 -2.13
CA GLY A 270 14.07 -2.91 -1.91
C GLY A 270 12.58 -2.70 -1.96
N HIS A 271 11.89 -3.04 -0.87
CA HIS A 271 10.45 -2.96 -0.85
C HIS A 271 9.91 -1.59 -0.44
N TYR A 272 10.46 -1.01 0.63
CA TYR A 272 9.93 0.22 1.20
C TYR A 272 10.63 1.41 0.53
N LEU A 273 10.30 1.58 -0.77
CA LEU A 273 10.99 2.55 -1.60
C LEU A 273 10.78 3.97 -1.11
N GLN A 274 9.67 4.22 -0.40
CA GLN A 274 9.39 5.55 0.15
C GLN A 274 10.47 6.02 1.11
N GLU A 275 11.14 5.08 1.79
CA GLU A 275 12.15 5.48 2.76
C GLU A 275 13.49 5.78 2.11
N ASP A 276 13.72 5.27 0.91
CA ASP A 276 14.98 5.51 0.22
C ASP A 276 14.88 6.54 -0.89
N HIS A 277 13.67 6.81 -1.41
CA HIS A 277 13.51 7.74 -2.53
C HIS A 277 12.28 8.64 -2.38
N PRO A 278 12.04 9.27 -1.22
CA PRO A 278 10.79 10.04 -1.08
C PRO A 278 10.69 11.22 -2.02
N GLU A 279 11.78 11.96 -2.20
CA GLU A 279 11.73 13.15 -3.07
C GLU A 279 11.41 12.76 -4.50
N ALA A 280 12.08 11.71 -5.00
CA ALA A 280 11.83 11.27 -6.37
C ALA A 280 10.36 10.85 -6.55
N ILE A 281 9.80 10.13 -5.59
CA ILE A 281 8.41 9.69 -5.71
C ILE A 281 7.47 10.89 -5.66
N GLY A 282 7.65 11.77 -4.66
CA GLY A 282 6.76 12.91 -4.52
C GLY A 282 6.80 13.85 -5.72
N ARG A 283 8.02 14.17 -6.19
CA ARG A 283 8.15 15.07 -7.34
C ARG A 283 7.55 14.44 -8.59
N SER A 284 7.76 13.13 -8.77
CA SER A 284 7.20 12.45 -9.93
C SER A 284 5.68 12.47 -9.90
N VAL A 285 5.09 12.14 -8.75
CA VAL A 285 3.63 12.08 -8.65
C VAL A 285 3.02 13.45 -8.88
N ALA A 286 3.62 14.49 -8.30
CA ALA A 286 3.05 15.83 -8.45
C ALA A 286 3.11 16.29 -9.90
N GLY A 287 4.23 16.05 -10.58
CA GLY A 287 4.30 16.43 -11.98
C GLY A 287 3.29 15.69 -12.83
N TRP A 288 3.14 14.39 -12.55
CA TRP A 288 2.22 13.52 -13.26
C TRP A 288 0.76 13.98 -13.09
N ILE A 289 0.36 14.29 -11.85
CA ILE A 289 -0.98 14.85 -11.62
C ILE A 289 -1.14 16.16 -12.38
N ALA A 290 -0.15 17.05 -12.31
CA ALA A 290 -0.28 18.31 -13.02
C ALA A 290 -0.47 18.10 -14.51
N GLY A 291 0.25 17.13 -15.08
CA GLY A 291 0.10 16.85 -16.51
C GLY A 291 -1.27 16.29 -16.85
N ILE A 292 -1.77 15.36 -16.04
CA ILE A 292 -3.09 14.79 -16.30
C ILE A 292 -4.17 15.84 -16.18
N GLU A 293 -4.10 16.66 -15.13
CA GLU A 293 -5.11 17.71 -14.93
C GLU A 293 -5.11 18.68 -16.10
N ALA A 294 -3.93 19.04 -16.60
CA ALA A 294 -3.87 19.99 -17.70
C ALA A 294 -4.34 19.38 -19.01
N ALA A 295 -3.97 18.13 -19.27
CA ALA A 295 -4.34 17.50 -20.53
C ALA A 295 -5.81 17.11 -20.56
N SER A 296 -6.39 16.82 -19.41
CA SER A 296 -7.80 16.48 -19.31
C SER A 296 -8.70 17.70 -19.23
N ALA A 297 -8.17 18.85 -18.80
CA ALA A 297 -8.93 20.10 -18.80
C ALA A 297 -8.98 20.76 -20.17
N GLN A 298 -8.39 20.11 -21.19
CA GLN A 298 -8.39 20.53 -22.60
C GLN A 298 -7.24 21.48 -22.96
O1 HEZ B . 3.59 -7.77 1.06
C1 HEZ B . 4.34 -8.89 0.67
C2 HEZ B . 5.76 -8.80 1.24
C3 HEZ B . 6.25 -7.37 1.28
C4 HEZ B . 7.44 -7.25 2.22
C5 HEZ B . 8.70 -7.82 1.56
C6 HEZ B . 9.93 -7.34 2.32
O6 HEZ B . 11.11 -7.79 1.70
I IOD C . 2.43 -9.26 3.84
I IOD D . 11.88 -14.69 14.47
I IOD E . -14.72 -7.32 -11.62
I IOD F . 12.19 -10.79 4.27
I IOD G . 1.41 15.52 5.59
I IOD H . 15.46 -21.35 8.83
I IOD I . -7.52 13.34 18.82
I IOD J . 15.86 0.67 -11.26
CL CL K . -15.16 14.07 -5.30
CL CL L . 13.75 14.48 -6.61
CL CL M . -2.71 -17.91 -9.44
#